data_9VXS
#
_entry.id   9VXS
#
_cell.length_a   72.235
_cell.length_b   51.153
_cell.length_c   78.318
_cell.angle_alpha   90
_cell.angle_beta   114.896
_cell.angle_gamma   90
#
_symmetry.space_group_name_H-M   'P 1 21 1'
#
loop_
_entity.id
_entity.type
_entity.pdbx_description
1 polymer 'Beta-lactamase SME-1'
2 non-polymer 3-fluoranyl-7-oxidanyl-8-oxa-7$l^{4}-borabicyclo[4.3.0]nona-1(9),2,4,6-tetraene
3 non-polymer DI(HYDROXYETHYL)ETHER
4 non-polymer 'CHLORIDE ION'
5 water water
#
_entity_poly.entity_id   1
_entity_poly.type   'polypeptide(L)'
_entity_poly.pdbx_seq_one_letter_code
;NKSDAAAKQIKKLEEDFDGRIGVFAIDTGSGNTFGYRSDERFPLCSSFKGFLAAAVLERVQQKKLDINQKVKYESRDLEY
HSPITTKYKGSGMTLGDMASAALQYSDNGATNIIMERFLGGPEGMTKFMRSIGDNEFRLDRWELELNTAIPGDKRDTSTP
KAVANSLNKLALGNVLNAKVKAIYQNWLKGNTTGDARIRASVPADWVVGDKTGSCGAYGTANDYAVIWPKNRAPLIVSIY
TTRKSKDDKHSDKTIAEASRIAIQAID
;
_entity_poly.pdbx_strand_id   B,A
#
# COMPACT_ATOMS: atom_id res chain seq x y z
N ASN A 1 25.67 31.97 -6.66
CA ASN A 1 24.91 32.76 -7.66
C ASN A 1 23.44 32.78 -7.23
N LYS A 2 22.66 31.80 -7.71
CA LYS A 2 21.28 31.53 -7.31
C LYS A 2 21.28 30.88 -5.93
N SER A 3 22.40 30.22 -5.63
CA SER A 3 22.69 29.69 -4.30
C SER A 3 22.64 30.80 -3.25
N ASP A 4 23.24 31.97 -3.55
CA ASP A 4 23.33 33.08 -2.60
C ASP A 4 21.94 33.66 -2.30
N ALA A 5 21.04 33.65 -3.29
CA ALA A 5 19.69 34.19 -3.12
C ALA A 5 18.85 33.28 -2.20
N ALA A 6 18.95 31.97 -2.42
CA ALA A 6 18.16 31.02 -1.65
C ALA A 6 18.54 31.10 -0.17
N ALA A 7 19.81 31.34 0.13
CA ALA A 7 20.29 31.53 1.50
C ALA A 7 19.67 32.78 2.13
N LYS A 8 19.66 33.90 1.41
CA LYS A 8 18.93 35.09 1.84
C LYS A 8 17.53 34.72 2.32
N GLN A 9 16.78 34.01 1.47
CA GLN A 9 15.36 33.75 1.72
C GLN A 9 15.19 32.80 2.92
N ILE A 10 16.05 31.79 3.02
CA ILE A 10 16.00 30.88 4.15
C ILE A 10 16.27 31.67 5.43
N LYS A 11 17.32 32.49 5.40
CA LYS A 11 17.66 33.37 6.51
C LYS A 11 16.45 34.24 6.89
N LYS A 12 15.82 34.86 5.90
CA LYS A 12 14.66 35.67 6.23
C LYS A 12 13.65 34.79 6.98
N LEU A 13 13.43 33.56 6.50
CA LEU A 13 12.32 32.74 6.94
C LEU A 13 12.48 32.36 8.41
N GLU A 14 13.72 32.06 8.83
CA GLU A 14 13.95 31.60 10.18
C GLU A 14 13.88 32.78 11.13
N GLU A 15 14.28 33.96 10.66
CA GLU A 15 14.21 35.13 11.50
C GLU A 15 12.75 35.55 11.64
N ASP A 16 11.95 35.33 10.58
CA ASP A 16 10.53 35.57 10.58
C ASP A 16 9.79 34.83 11.70
N PHE A 17 10.23 33.60 12.01
CA PHE A 17 9.52 32.83 13.02
C PHE A 17 10.42 32.63 14.24
N ASP A 18 11.49 33.43 14.32
CA ASP A 18 12.42 33.37 15.44
C ASP A 18 12.88 31.93 15.72
N GLY A 19 13.47 31.25 14.73
CA GLY A 19 14.00 29.91 14.96
C GLY A 19 15.16 29.56 14.03
N ARG A 20 15.32 28.25 13.74
CA ARG A 20 16.50 27.81 13.00
C ARG A 20 16.08 26.80 11.93
N ILE A 21 16.47 27.09 10.67
CA ILE A 21 16.14 26.23 9.54
C ILE A 21 17.39 25.64 8.90
N GLY A 22 17.31 24.31 8.64
CA GLY A 22 18.36 23.51 8.03
C GLY A 22 17.83 22.72 6.84
N VAL A 23 18.44 22.95 5.67
CA VAL A 23 17.97 22.36 4.44
C VAL A 23 19.15 21.68 3.74
N PHE A 24 18.83 20.55 3.09
CA PHE A 24 19.68 19.97 2.04
C PHE A 24 18.80 19.33 0.97
N ALA A 25 19.11 19.63 -0.30
CA ALA A 25 18.35 19.12 -1.43
C ALA A 25 19.32 18.71 -2.52
N ILE A 26 18.96 17.66 -3.26
CA ILE A 26 19.83 17.13 -4.30
C ILE A 26 18.95 16.89 -5.52
N ASP A 27 19.39 17.36 -6.69
CA ASP A 27 18.83 16.96 -7.97
C ASP A 27 19.65 15.80 -8.51
N THR A 28 19.04 14.61 -8.51
CA THR A 28 19.72 13.37 -8.89
C THR A 28 20.04 13.32 -10.39
N GLY A 29 19.41 14.17 -11.21
CA GLY A 29 19.75 14.33 -12.61
C GLY A 29 21.11 15.01 -12.84
N SER A 30 21.28 16.22 -12.29
CA SER A 30 22.37 17.11 -12.64
C SER A 30 23.54 17.04 -11.65
N GLY A 31 23.27 16.57 -10.41
CA GLY A 31 24.29 16.55 -9.37
C GLY A 31 24.23 17.81 -8.52
N ASN A 32 23.34 18.72 -8.89
CA ASN A 32 23.12 19.96 -8.15
C ASN A 32 22.68 19.68 -6.72
N THR A 33 23.28 20.44 -5.81
CA THR A 33 22.94 20.36 -4.41
C THR A 33 22.74 21.78 -3.88
N PHE A 34 22.06 21.88 -2.74
CA PHE A 34 21.97 23.14 -2.02
C PHE A 34 21.82 22.80 -0.53
N GLY A 35 22.55 23.55 0.31
CA GLY A 35 22.53 23.36 1.73
C GLY A 35 22.50 24.72 2.42
N TYR A 36 21.67 24.84 3.45
CA TYR A 36 21.71 25.93 4.38
C TYR A 36 21.73 25.29 5.77
N ARG A 37 22.79 25.61 6.54
CA ARG A 37 23.08 24.96 7.79
C ARG A 37 22.97 23.43 7.64
N SER A 38 23.48 22.88 6.52
CA SER A 38 23.19 21.49 6.21
C SER A 38 24.06 20.57 7.08
N ASP A 39 25.03 21.21 7.75
CA ASP A 39 25.99 20.53 8.60
C ASP A 39 25.64 20.67 10.07
N GLU A 40 24.61 21.46 10.40
CA GLU A 40 24.29 21.57 11.81
C GLU A 40 23.33 20.47 12.25
N ARG A 41 23.47 20.12 13.54
CA ARG A 41 22.68 19.12 14.26
C ARG A 41 21.28 19.62 14.54
N PHE A 42 20.28 18.78 14.26
CA PHE A 42 18.89 19.05 14.58
C PHE A 42 18.28 17.78 15.16
N PRO A 43 17.29 17.91 16.08
CA PRO A 43 16.64 16.73 16.65
C PRO A 43 15.88 15.88 15.61
N LEU A 44 15.98 14.56 15.70
CA LEU A 44 15.38 13.70 14.69
C LEU A 44 13.84 13.64 14.77
N CYS A 45 13.28 13.64 15.98
CA CYS A 45 11.85 13.34 16.15
C CYS A 45 11.53 11.95 15.54
N SER A 46 10.30 11.78 15.01
CA SER A 46 9.84 10.53 14.41
C SER A 46 10.53 10.24 13.06
N SER A 47 11.37 11.16 12.58
CA SER A 47 11.87 11.06 11.21
C SER A 47 12.74 9.82 11.00
N PHE A 48 13.49 9.39 12.03
CA PHE A 48 14.32 8.19 11.94
C PHE A 48 13.42 6.96 11.73
N LYS A 49 12.14 7.07 12.05
CA LYS A 49 11.26 5.94 11.89
C LYS A 49 11.28 5.52 10.42
N GLY A 50 11.57 6.45 9.51
CA GLY A 50 11.66 6.04 8.12
C GLY A 50 12.88 5.16 7.83
N PHE A 51 13.93 5.30 8.66
CA PHE A 51 15.16 4.56 8.47
C PHE A 51 15.01 3.20 9.14
N LEU A 52 14.35 3.19 10.32
CA LEU A 52 13.95 1.98 11.00
C LEU A 52 13.32 1.01 10.01
N ALA A 53 12.34 1.53 9.24
CA ALA A 53 11.60 0.75 8.28
C ALA A 53 12.54 0.12 7.26
N ALA A 54 13.54 0.91 6.83
CA ALA A 54 14.55 0.47 5.88
C ALA A 54 15.42 -0.61 6.52
N ALA A 55 15.80 -0.42 7.80
CA ALA A 55 16.66 -1.36 8.52
C ALA A 55 16.00 -2.74 8.61
N VAL A 56 14.68 -2.77 8.88
CA VAL A 56 13.86 -3.98 8.81
C VAL A 56 13.95 -4.63 7.41
N LEU A 57 13.58 -3.86 6.38
CA LEU A 57 13.58 -4.40 5.03
C LEU A 57 14.98 -4.95 4.70
N GLU A 58 16.00 -4.31 5.24
CA GLU A 58 17.33 -4.86 5.05
C GLU A 58 17.41 -6.27 5.60
N ARG A 59 16.96 -6.46 6.85
CA ARG A 59 17.06 -7.74 7.52
C ARG A 59 16.21 -8.78 6.81
N VAL A 60 15.09 -8.32 6.25
CA VAL A 60 14.19 -9.18 5.51
C VAL A 60 14.86 -9.74 4.26
N GLN A 61 15.65 -8.90 3.59
CA GLN A 61 16.29 -9.22 2.33
C GLN A 61 17.49 -10.15 2.53
N GLN A 62 18.15 -10.05 3.69
CA GLN A 62 19.20 -10.97 4.03
C GLN A 62 18.62 -12.27 4.59
N LYS A 63 17.28 -12.33 4.63
CA LYS A 63 16.55 -13.48 5.12
C LYS A 63 16.83 -13.68 6.62
N LYS A 64 17.04 -12.61 7.39
CA LYS A 64 17.11 -12.77 8.82
C LYS A 64 15.71 -12.68 9.44
N LEU A 65 14.76 -12.13 8.67
CA LEU A 65 13.41 -11.92 9.17
C LEU A 65 12.46 -12.14 8.01
N ASP A 66 11.24 -12.55 8.31
CA ASP A 66 10.23 -12.73 7.28
C ASP A 66 9.21 -11.62 7.45
N ILE A 67 8.91 -10.94 6.35
CA ILE A 67 7.98 -9.83 6.28
C ILE A 67 6.58 -10.22 6.79
N ASN A 68 6.24 -11.52 6.81
CA ASN A 68 4.89 -11.96 7.13
C ASN A 68 4.81 -12.49 8.56
N GLN A 69 5.97 -12.61 9.23
CA GLN A 69 6.00 -13.25 10.53
C GLN A 69 5.08 -12.50 11.49
N LYS A 70 4.27 -13.25 12.25
CA LYS A 70 3.41 -12.66 13.26
C LYS A 70 4.28 -11.94 14.29
N VAL A 71 3.81 -10.78 14.71
CA VAL A 71 4.40 -10.11 15.85
C VAL A 71 3.28 -9.84 16.85
N LYS A 72 3.37 -10.48 18.02
CA LYS A 72 2.30 -10.44 18.99
C LYS A 72 2.75 -9.58 20.17
N TYR A 73 1.80 -8.89 20.79
CA TYR A 73 2.20 -7.95 21.83
C TYR A 73 0.99 -7.65 22.69
N GLU A 74 0.06 -8.60 22.81
CA GLU A 74 -1.22 -8.52 23.52
C GLU A 74 -1.12 -7.95 24.95
N SER A 75 0.01 -8.13 25.66
CA SER A 75 0.08 -7.73 27.06
C SER A 75 0.82 -6.41 27.22
N ARG A 76 1.45 -5.93 26.14
CA ARG A 76 2.23 -4.70 26.22
C ARG A 76 1.32 -3.52 26.53
N ASP A 77 1.84 -2.59 27.34
CA ASP A 77 1.25 -1.28 27.52
C ASP A 77 1.77 -0.33 26.44
N LEU A 78 0.92 -0.03 25.44
CA LEU A 78 1.33 0.67 24.23
C LEU A 78 1.59 2.15 24.49
N GLU A 79 2.73 2.65 24.01
CA GLU A 79 3.16 4.04 24.17
C GLU A 79 2.09 4.98 23.62
N TYR A 80 2.12 6.24 24.08
CA TYR A 80 1.30 7.30 23.52
C TYR A 80 1.59 7.43 22.02
N HIS A 81 0.53 7.60 21.23
CA HIS A 81 0.51 7.75 19.77
C HIS A 81 0.88 6.44 19.07
N SER A 82 0.04 5.42 19.32
CA SER A 82 0.13 4.08 18.75
C SER A 82 -1.19 3.74 18.07
N PRO A 83 -1.60 4.52 17.05
CA PRO A 83 -2.96 4.38 16.55
C PRO A 83 -3.12 3.06 15.80
N ILE A 84 -2.05 2.58 15.16
CA ILE A 84 -2.17 1.38 14.35
C ILE A 84 -1.96 0.15 15.23
N THR A 85 -0.91 0.20 16.08
CA THR A 85 -0.68 -0.94 16.95
C THR A 85 -1.89 -1.16 17.85
N THR A 86 -2.58 -0.07 18.24
CA THR A 86 -3.67 -0.18 19.19
C THR A 86 -4.82 -0.95 18.56
N LYS A 87 -5.09 -0.75 17.27
CA LYS A 87 -6.26 -1.43 16.74
C LYS A 87 -5.99 -2.92 16.50
N TYR A 88 -4.72 -3.33 16.41
CA TYR A 88 -4.46 -4.73 16.12
C TYR A 88 -3.86 -5.48 17.32
N LYS A 89 -4.02 -4.95 18.54
CA LYS A 89 -3.33 -5.46 19.71
C LYS A 89 -3.69 -6.92 19.94
N GLY A 90 -4.97 -7.24 19.75
CA GLY A 90 -5.53 -8.55 20.08
C GLY A 90 -5.16 -9.63 19.05
N SER A 91 -4.96 -9.24 17.80
CA SER A 91 -4.55 -10.23 16.81
C SER A 91 -3.03 -10.26 16.59
N GLY A 92 -2.34 -9.14 16.88
CA GLY A 92 -0.97 -8.91 16.42
C GLY A 92 -0.94 -8.38 14.98
N MET A 93 0.26 -8.27 14.41
CA MET A 93 0.48 -7.72 13.08
C MET A 93 1.74 -8.36 12.49
N THR A 94 1.80 -8.40 11.15
CA THR A 94 3.00 -8.90 10.52
C THR A 94 4.14 -7.90 10.74
N LEU A 95 5.37 -8.41 10.65
CA LEU A 95 6.53 -7.54 10.71
C LEU A 95 6.46 -6.42 9.68
N GLY A 96 6.04 -6.73 8.45
CA GLY A 96 5.90 -5.72 7.41
C GLY A 96 4.90 -4.63 7.81
N ASP A 97 3.69 -5.05 8.15
CA ASP A 97 2.69 -4.08 8.54
C ASP A 97 3.17 -3.27 9.73
N MET A 98 3.85 -3.92 10.66
CA MET A 98 4.27 -3.15 11.81
C MET A 98 5.27 -2.07 11.38
N ALA A 99 6.22 -2.42 10.50
CA ALA A 99 7.29 -1.49 10.10
C ALA A 99 6.68 -0.29 9.38
N SER A 100 5.71 -0.59 8.50
CA SER A 100 5.10 0.43 7.66
C SER A 100 4.24 1.36 8.51
N ALA A 101 3.62 0.80 9.53
CA ALA A 101 2.87 1.58 10.50
C ALA A 101 3.80 2.57 11.21
N ALA A 102 5.00 2.12 11.58
CA ALA A 102 5.95 3.03 12.20
C ALA A 102 6.21 4.21 11.27
N LEU A 103 6.35 3.91 9.98
CA LEU A 103 6.64 4.94 9.00
C LEU A 103 5.38 5.72 8.61
N GLN A 104 4.24 5.06 8.36
CA GLN A 104 3.16 5.82 7.71
C GLN A 104 2.27 6.56 8.72
N TYR A 105 2.23 6.08 9.97
CA TYR A 105 1.43 6.74 10.98
C TYR A 105 2.32 7.12 12.16
N SER A 106 3.64 6.98 11.97
CA SER A 106 4.59 7.44 12.98
C SER A 106 4.31 6.73 14.31
N ASP A 107 3.94 5.45 14.24
CA ASP A 107 3.42 4.69 15.37
C ASP A 107 4.53 4.39 16.38
N ASN A 108 4.37 4.88 17.62
CA ASN A 108 5.39 4.72 18.65
C ASN A 108 5.52 3.27 19.16
N GLY A 109 4.39 2.60 19.41
CA GLY A 109 4.37 1.18 19.74
C GLY A 109 5.18 0.38 18.72
N ALA A 110 4.89 0.60 17.43
CA ALA A 110 5.59 -0.08 16.34
C ALA A 110 7.07 0.22 16.46
N THR A 111 7.39 1.48 16.76
CA THR A 111 8.78 1.87 16.79
C THR A 111 9.54 1.09 17.87
N ASN A 112 9.05 1.08 19.11
CA ASN A 112 9.81 0.49 20.19
C ASN A 112 9.80 -1.04 20.09
N ILE A 113 8.66 -1.65 19.77
CA ILE A 113 8.68 -3.09 19.64
C ILE A 113 9.78 -3.49 18.65
N ILE A 114 9.84 -2.80 17.50
CA ILE A 114 10.74 -3.23 16.47
C ILE A 114 12.19 -3.06 16.95
N MET A 115 12.48 -1.95 17.62
CA MET A 115 13.83 -1.73 18.10
C MET A 115 14.22 -2.66 19.24
N GLU A 116 13.26 -3.13 20.03
CA GLU A 116 13.68 -4.01 21.11
C GLU A 116 13.84 -5.45 20.61
N ARG A 117 13.14 -5.83 19.53
CA ARG A 117 13.08 -7.23 19.17
C ARG A 117 13.93 -7.52 17.93
N PHE A 118 14.12 -6.57 17.02
CA PHE A 118 14.73 -6.95 15.76
C PHE A 118 15.99 -6.15 15.47
N LEU A 119 16.00 -4.89 15.92
CA LEU A 119 16.98 -3.93 15.43
C LEU A 119 18.05 -3.65 16.47
N GLY A 120 17.88 -4.15 17.70
CA GLY A 120 18.91 -4.00 18.73
C GLY A 120 18.95 -2.60 19.37
N GLY A 121 17.76 -2.03 19.62
CA GLY A 121 17.60 -0.73 20.27
C GLY A 121 18.16 0.46 19.48
N PRO A 122 18.27 1.64 20.14
CA PRO A 122 18.83 2.86 19.56
C PRO A 122 20.23 2.67 19.00
N GLU A 123 21.09 1.98 19.78
CA GLU A 123 22.45 1.65 19.40
C GLU A 123 22.44 0.83 18.10
N GLY A 124 21.56 -0.18 18.07
CA GLY A 124 21.32 -0.99 16.87
C GLY A 124 20.86 -0.13 15.68
N MET A 125 19.94 0.82 15.95
CA MET A 125 19.52 1.80 14.96
C MET A 125 20.70 2.61 14.44
N THR A 126 21.54 3.15 15.37
CA THR A 126 22.73 3.91 15.01
C THR A 126 23.68 3.05 14.15
N LYS A 127 23.85 1.79 14.54
CA LYS A 127 24.77 0.90 13.82
C LYS A 127 24.31 0.71 12.37
N PHE A 128 22.99 0.65 12.17
CA PHE A 128 22.43 0.51 10.84
C PHE A 128 22.85 1.69 9.98
N MET A 129 22.71 2.91 10.51
CA MET A 129 23.07 4.10 9.76
C MET A 129 24.58 4.14 9.46
N ARG A 130 25.43 3.85 10.47
CA ARG A 130 26.87 3.75 10.27
C ARG A 130 27.18 2.84 9.08
N SER A 131 26.39 1.76 8.91
CA SER A 131 26.62 0.76 7.88
C SER A 131 26.20 1.25 6.49
N ILE A 132 25.49 2.38 6.39
CA ILE A 132 25.26 2.99 5.08
C ILE A 132 26.15 4.23 4.95
N GLY A 133 27.15 4.35 5.83
CA GLY A 133 28.16 5.37 5.69
C GLY A 133 27.63 6.74 6.10
N ASP A 134 26.76 6.77 7.11
CA ASP A 134 26.26 8.01 7.70
C ASP A 134 26.79 8.10 9.13
N ASN A 135 27.58 9.15 9.36
CA ASN A 135 28.39 9.27 10.54
C ASN A 135 27.78 10.29 11.50
N GLU A 136 26.83 11.10 11.01
CA GLU A 136 26.19 12.13 11.83
C GLU A 136 25.08 11.54 12.70
N PHE A 137 24.22 10.71 12.11
CA PHE A 137 23.02 10.17 12.72
C PHE A 137 23.35 9.49 14.05
N ARG A 138 22.52 9.74 15.08
CA ARG A 138 22.68 9.08 16.37
C ARG A 138 21.35 9.04 17.11
N LEU A 139 20.85 7.81 17.31
CA LEU A 139 19.68 7.64 18.15
C LEU A 139 20.18 7.07 19.47
N ASP A 140 19.76 7.71 20.57
CA ASP A 140 20.31 7.48 21.89
C ASP A 140 19.24 6.90 22.81
N ARG A 141 17.99 7.41 22.70
CA ARG A 141 16.89 7.06 23.59
C ARG A 141 15.72 6.43 22.82
N TRP A 142 14.73 5.95 23.57
CA TRP A 142 13.55 5.30 23.02
C TRP A 142 12.46 6.36 22.92
N GLU A 143 11.35 5.99 22.27
CA GLU A 143 10.14 6.80 22.30
C GLU A 143 9.60 6.75 23.72
N LEU A 144 9.14 7.87 24.32
CA LEU A 144 8.93 9.16 23.68
C LEU A 144 10.02 10.14 24.12
N GLU A 145 10.90 9.66 25.02
CA GLU A 145 11.89 10.47 25.71
C GLU A 145 12.87 11.09 24.72
N LEU A 146 12.93 10.54 23.49
CA LEU A 146 13.91 10.99 22.50
C LEU A 146 13.48 12.31 21.87
N ASN A 147 12.26 12.77 22.20
CA ASN A 147 11.68 13.90 21.50
C ASN A 147 11.88 15.20 22.29
N THR A 148 12.75 15.22 23.32
CA THR A 148 12.85 16.36 24.23
C THR A 148 13.33 17.64 23.53
N ALA A 149 14.22 17.48 22.53
CA ALA A 149 14.57 18.54 21.59
C ALA A 149 15.18 19.75 22.29
N ILE A 150 15.89 19.52 23.41
CA ILE A 150 16.49 20.58 24.20
C ILE A 150 17.54 21.21 23.32
N PRO A 151 17.66 22.56 23.28
CA PRO A 151 18.67 23.17 22.41
C PRO A 151 20.09 22.83 22.91
N GLY A 152 20.97 22.41 21.99
CA GLY A 152 22.34 22.09 22.37
C GLY A 152 22.55 20.59 22.59
N ASP A 153 21.47 19.85 22.82
CA ASP A 153 21.52 18.44 23.18
C ASP A 153 21.69 17.65 21.88
N LYS A 154 22.75 16.83 21.84
CA LYS A 154 23.19 16.15 20.62
C LYS A 154 22.51 14.80 20.51
N ARG A 155 21.87 14.38 21.60
CA ARG A 155 21.16 13.12 21.61
C ARG A 155 20.05 13.17 20.57
N ASP A 156 19.99 12.10 19.76
CA ASP A 156 18.88 11.92 18.85
C ASP A 156 18.82 13.07 17.85
N THR A 157 19.92 13.28 17.14
CA THR A 157 20.08 14.36 16.18
C THR A 157 20.73 13.79 14.92
N SER A 158 20.61 14.53 13.82
CA SER A 158 21.49 14.37 12.69
C SER A 158 21.68 15.73 12.03
N THR A 159 22.10 15.75 10.77
CA THR A 159 22.15 16.97 9.98
C THR A 159 21.28 16.79 8.74
N PRO A 160 20.74 17.89 8.17
CA PRO A 160 20.02 17.86 6.89
C PRO A 160 20.73 17.11 5.75
N LYS A 161 22.05 17.33 5.65
CA LYS A 161 22.91 16.71 4.64
C LYS A 161 22.94 15.20 4.82
N ALA A 162 23.23 14.76 6.06
CA ALA A 162 23.40 13.35 6.35
C ALA A 162 22.08 12.62 6.12
N VAL A 163 21.00 13.31 6.49
CA VAL A 163 19.66 12.77 6.27
C VAL A 163 19.40 12.67 4.75
N ALA A 164 19.75 13.71 4.01
CA ALA A 164 19.62 13.67 2.56
C ALA A 164 20.41 12.48 1.96
N ASN A 165 21.69 12.39 2.29
CA ASN A 165 22.49 11.34 1.70
C ASN A 165 21.89 10.00 2.06
N SER A 166 21.42 9.87 3.31
CA SER A 166 20.97 8.54 3.70
C SER A 166 19.73 8.12 2.89
N LEU A 167 18.79 9.07 2.75
CA LEU A 167 17.54 8.80 2.08
C LEU A 167 17.87 8.38 0.66
N ASN A 168 18.81 9.12 0.08
CA ASN A 168 19.24 8.84 -1.27
C ASN A 168 19.79 7.41 -1.40
N LYS A 169 20.71 7.01 -0.52
CA LYS A 169 21.27 5.66 -0.53
C LYS A 169 20.13 4.65 -0.46
N LEU A 170 19.13 4.93 0.40
CA LEU A 170 18.12 3.95 0.74
C LEU A 170 17.00 3.90 -0.30
N ALA A 171 16.50 5.07 -0.75
CA ALA A 171 15.33 5.16 -1.62
C ALA A 171 15.67 4.93 -3.11
N LEU A 172 16.91 5.28 -3.53
CA LEU A 172 17.29 5.34 -4.94
C LEU A 172 18.51 4.47 -5.23
N GLY A 173 19.35 4.23 -4.20
CA GLY A 173 20.63 3.56 -4.36
C GLY A 173 20.57 2.05 -4.18
N ASN A 174 21.72 1.52 -3.74
CA ASN A 174 22.24 0.16 -3.81
C ASN A 174 21.83 -0.71 -2.62
N VAL A 175 21.41 -0.09 -1.52
CA VAL A 175 21.29 -0.81 -0.27
C VAL A 175 20.27 -1.95 -0.39
N LEU A 176 19.14 -1.70 -1.05
CA LEU A 176 18.06 -2.68 -1.15
C LEU A 176 18.04 -3.23 -2.58
N ASN A 177 17.70 -4.51 -2.75
CA ASN A 177 17.56 -5.07 -4.09
C ASN A 177 16.34 -4.45 -4.75
N ALA A 178 16.08 -4.81 -6.01
CA ALA A 178 15.01 -4.19 -6.79
C ALA A 178 13.66 -4.34 -6.08
N LYS A 179 13.36 -5.56 -5.61
CA LYS A 179 12.04 -5.90 -5.11
C LYS A 179 11.74 -5.14 -3.81
N VAL A 180 12.77 -5.00 -2.95
CA VAL A 180 12.62 -4.51 -1.59
C VAL A 180 12.64 -2.97 -1.61
N LYS A 181 13.49 -2.41 -2.45
CA LYS A 181 13.54 -0.96 -2.62
C LYS A 181 12.16 -0.45 -3.04
N ALA A 182 11.55 -1.16 -3.98
CA ALA A 182 10.19 -0.90 -4.45
C ALA A 182 9.19 -0.87 -3.28
N ILE A 183 9.17 -1.93 -2.49
CA ILE A 183 8.40 -1.90 -1.26
C ILE A 183 8.67 -0.64 -0.44
N TYR A 184 9.96 -0.34 -0.18
CA TYR A 184 10.34 0.80 0.65
C TYR A 184 9.80 2.10 0.05
N GLN A 185 9.92 2.23 -1.28
CA GLN A 185 9.39 3.41 -1.96
C GLN A 185 7.90 3.56 -1.71
N ASN A 186 7.15 2.46 -1.85
CA ASN A 186 5.71 2.55 -1.75
C ASN A 186 5.33 2.96 -0.34
N TRP A 187 6.12 2.47 0.63
CA TRP A 187 5.86 2.81 2.02
C TRP A 187 5.95 4.32 2.23
N LEU A 188 7.07 4.93 1.81
CA LEU A 188 7.25 6.38 1.82
C LEU A 188 6.17 7.09 1.00
N LYS A 189 5.84 6.51 -0.18
CA LYS A 189 4.84 7.19 -1.01
C LYS A 189 3.50 7.25 -0.25
N GLY A 190 3.22 6.25 0.61
CA GLY A 190 1.92 6.16 1.27
C GLY A 190 1.87 6.82 2.65
N ASN A 191 2.94 7.55 3.05
CA ASN A 191 3.01 8.27 4.31
C ASN A 191 1.81 9.22 4.44
N THR A 192 1.25 9.34 5.66
CA THR A 192 -0.04 10.03 5.78
C THR A 192 0.10 11.32 6.58
N THR A 193 1.31 11.65 7.06
CA THR A 193 1.43 12.71 8.05
C THR A 193 2.01 13.98 7.43
N GLY A 194 2.27 13.94 6.11
CA GLY A 194 3.17 14.91 5.49
C GLY A 194 2.54 15.83 4.42
N ASP A 195 1.20 15.87 4.38
CA ASP A 195 0.44 16.63 3.40
C ASP A 195 0.73 18.14 3.48
N ALA A 196 0.95 18.67 4.69
CA ALA A 196 1.16 20.11 4.80
C ALA A 196 2.66 20.46 4.74
N ARG A 197 3.55 19.49 4.50
CA ARG A 197 4.98 19.82 4.57
C ARG A 197 5.60 19.81 3.18
N ILE A 198 6.57 18.91 2.94
CA ILE A 198 7.23 18.97 1.65
C ILE A 198 6.22 18.76 0.51
N ARG A 199 5.17 17.95 0.77
CA ARG A 199 4.20 17.65 -0.26
C ARG A 199 3.50 18.92 -0.73
N ALA A 200 3.37 19.92 0.16
CA ALA A 200 2.64 21.14 -0.18
C ALA A 200 3.51 22.03 -1.06
N SER A 201 4.77 21.69 -1.20
CA SER A 201 5.74 22.55 -1.84
C SER A 201 5.90 22.24 -3.33
N VAL A 202 5.24 21.17 -3.82
CA VAL A 202 5.51 20.62 -5.14
C VAL A 202 4.23 20.61 -5.99
N PRO A 203 4.36 20.73 -7.34
CA PRO A 203 3.24 20.49 -8.26
C PRO A 203 2.53 19.15 -8.00
N ALA A 204 1.20 19.18 -7.90
CA ALA A 204 0.54 18.13 -7.15
C ALA A 204 0.39 16.83 -7.98
N ASP A 205 0.96 16.83 -9.20
CA ASP A 205 1.11 15.58 -9.94
C ASP A 205 2.57 15.06 -9.95
N TRP A 206 3.44 15.63 -9.11
CA TRP A 206 4.67 14.95 -8.77
C TRP A 206 4.36 13.85 -7.74
N VAL A 207 5.10 12.75 -7.82
CA VAL A 207 4.96 11.72 -6.81
C VAL A 207 5.98 11.97 -5.69
N VAL A 208 5.51 11.87 -4.44
CA VAL A 208 6.34 12.19 -3.29
C VAL A 208 6.29 11.00 -2.36
N GLY A 209 7.45 10.63 -1.80
CA GLY A 209 7.49 9.81 -0.60
C GLY A 209 8.18 10.59 0.52
N ASP A 210 7.67 10.50 1.76
CA ASP A 210 8.27 11.33 2.80
C ASP A 210 8.19 10.66 4.18
N LYS A 211 8.96 11.18 5.14
CA LYS A 211 8.63 10.90 6.53
C LYS A 211 8.78 12.20 7.31
N THR A 212 7.79 12.50 8.16
CA THR A 212 7.82 13.75 8.90
C THR A 212 8.36 13.47 10.30
N GLY A 213 8.73 14.53 11.03
CA GLY A 213 8.91 14.42 12.47
C GLY A 213 8.38 15.67 13.19
N SER A 214 7.79 15.48 14.38
CA SER A 214 7.34 16.56 15.25
C SER A 214 7.62 16.22 16.70
N CYS A 215 8.34 17.10 17.40
CA CYS A 215 8.86 16.77 18.71
C CYS A 215 7.86 17.15 19.81
N GLY A 216 7.06 18.19 19.58
CA GLY A 216 6.18 18.70 20.62
C GLY A 216 6.91 19.56 21.66
N ALA A 217 8.16 19.96 21.35
CA ALA A 217 8.90 20.90 22.20
C ALA A 217 9.82 21.71 21.31
N TYR A 218 10.01 22.99 21.67
CA TYR A 218 10.98 23.85 20.99
C TYR A 218 10.57 24.01 19.53
N GLY A 219 9.25 23.89 19.28
CA GLY A 219 8.64 24.03 17.96
C GLY A 219 9.42 23.24 16.92
N THR A 220 9.93 22.07 17.33
CA THR A 220 10.82 21.25 16.52
C THR A 220 9.99 20.32 15.61
N ALA A 221 10.20 20.44 14.29
CA ALA A 221 9.56 19.57 13.29
C ALA A 221 10.48 19.44 12.08
N ASN A 222 10.22 18.44 11.24
CA ASN A 222 11.07 18.24 10.08
C ASN A 222 10.31 17.43 9.04
N ASP A 223 10.93 17.25 7.88
CA ASP A 223 10.41 16.36 6.84
C ASP A 223 11.60 16.01 5.92
N TYR A 224 11.58 14.81 5.34
CA TYR A 224 12.50 14.51 4.27
C TYR A 224 11.71 13.80 3.18
N ALA A 225 12.14 13.96 1.93
CA ALA A 225 11.33 13.43 0.85
C ALA A 225 12.17 13.07 -0.36
N VAL A 226 11.77 11.96 -0.99
CA VAL A 226 12.18 11.67 -2.35
C VAL A 226 11.01 12.07 -3.27
N ILE A 227 11.33 12.79 -4.36
CA ILE A 227 10.34 13.38 -5.26
C ILE A 227 10.65 12.96 -6.70
N TRP A 228 9.62 12.38 -7.37
CA TRP A 228 9.63 12.08 -8.80
C TRP A 228 8.84 13.13 -9.59
N PRO A 229 9.47 14.17 -10.16
CA PRO A 229 8.75 15.05 -11.09
C PRO A 229 8.38 14.31 -12.37
N LYS A 230 7.67 14.99 -13.28
CA LYS A 230 7.03 14.33 -14.41
C LYS A 230 8.05 13.89 -15.45
N ASN A 231 8.79 14.87 -15.99
CA ASN A 231 9.77 14.58 -17.04
C ASN A 231 11.14 14.89 -16.49
N ARG A 232 11.71 13.98 -15.67
CA ARG A 232 12.83 14.46 -14.89
C ARG A 232 13.27 13.42 -13.87
N ALA A 233 14.56 13.53 -13.49
CA ALA A 233 15.16 12.64 -12.51
C ALA A 233 14.63 13.03 -11.13
N PRO A 234 14.53 12.11 -10.17
CA PRO A 234 14.07 12.49 -8.83
C PRO A 234 14.94 13.50 -8.06
N LEU A 235 14.32 14.19 -7.09
CA LEU A 235 15.00 15.09 -6.17
C LEU A 235 14.94 14.49 -4.77
N ILE A 236 15.91 14.86 -3.92
CA ILE A 236 15.86 14.51 -2.51
C ILE A 236 15.81 15.84 -1.75
N VAL A 237 14.86 15.98 -0.84
CA VAL A 237 14.75 17.20 -0.06
C VAL A 237 14.72 16.84 1.42
N SER A 238 15.43 17.63 2.24
CA SER A 238 15.54 17.41 3.66
C SER A 238 15.56 18.75 4.40
N ILE A 239 14.54 18.96 5.27
CA ILE A 239 14.24 20.19 5.98
C ILE A 239 14.02 19.87 7.47
N TYR A 240 14.82 20.52 8.32
CA TYR A 240 14.78 20.39 9.77
C TYR A 240 14.68 21.78 10.41
N THR A 241 13.80 21.95 11.40
CA THR A 241 13.57 23.23 12.06
C THR A 241 13.50 23.08 13.58
N THR A 242 13.89 24.14 14.30
CA THR A 242 13.74 24.29 15.75
C THR A 242 13.33 25.74 16.04
N ARG A 243 12.87 26.01 17.26
CA ARG A 243 12.60 27.36 17.69
C ARG A 243 13.26 27.63 19.05
N LYS A 244 13.25 28.90 19.47
CA LYS A 244 14.05 29.36 20.61
C LYS A 244 13.48 28.89 21.95
N SER A 245 12.14 28.87 22.08
CA SER A 245 11.42 28.67 23.35
C SER A 245 10.75 27.30 23.43
N LYS A 246 10.62 26.80 24.66
CA LYS A 246 10.14 25.47 24.96
C LYS A 246 8.70 25.28 24.48
N ASP A 247 7.87 26.33 24.64
CA ASP A 247 6.44 26.26 24.42
C ASP A 247 6.08 26.53 22.96
N ASP A 248 7.10 26.82 22.14
CA ASP A 248 6.85 27.19 20.76
C ASP A 248 6.28 26.01 20.00
N LYS A 249 5.38 26.32 19.07
CA LYS A 249 4.79 25.31 18.20
C LYS A 249 5.58 25.21 16.90
N HIS A 250 5.56 24.02 16.31
CA HIS A 250 6.17 23.83 15.00
C HIS A 250 5.32 24.57 13.96
N SER A 251 5.92 24.81 12.78
CA SER A 251 5.33 25.58 11.67
C SER A 251 5.33 24.76 10.36
N ASP A 252 4.17 24.23 9.95
CA ASP A 252 4.14 23.43 8.73
C ASP A 252 4.52 24.29 7.53
N LYS A 253 4.10 25.55 7.59
CA LYS A 253 4.13 26.43 6.44
C LYS A 253 5.58 26.84 6.20
N THR A 254 6.39 26.81 7.27
CA THR A 254 7.77 27.28 7.22
C THR A 254 8.60 26.25 6.48
N ILE A 255 8.29 24.98 6.80
CA ILE A 255 8.91 23.82 6.21
C ILE A 255 8.46 23.78 4.76
N ALA A 256 7.17 24.06 4.54
CA ALA A 256 6.64 24.10 3.19
C ALA A 256 7.46 25.10 2.35
N GLU A 257 7.60 26.32 2.89
CA GLU A 257 8.34 27.38 2.22
C GLU A 257 9.81 26.97 2.03
N ALA A 258 10.47 26.53 3.11
CA ALA A 258 11.86 26.14 2.98
C ALA A 258 12.03 25.07 1.88
N SER A 259 11.11 24.09 1.82
CA SER A 259 11.10 23.16 0.70
C SER A 259 10.99 23.88 -0.66
N ARG A 260 10.03 24.80 -0.77
CA ARG A 260 9.87 25.61 -1.98
C ARG A 260 11.16 26.33 -2.38
N ILE A 261 11.84 27.02 -1.45
CA ILE A 261 13.12 27.67 -1.71
C ILE A 261 14.19 26.65 -2.08
N ALA A 262 14.26 25.55 -1.32
CA ALA A 262 15.24 24.51 -1.57
C ALA A 262 15.17 24.05 -3.02
N ILE A 263 13.95 23.72 -3.47
CA ILE A 263 13.74 23.08 -4.77
C ILE A 263 14.10 24.05 -5.88
N GLN A 264 14.01 25.34 -5.59
CA GLN A 264 14.29 26.34 -6.62
C GLN A 264 15.80 26.47 -6.77
N ALA A 265 16.52 26.36 -5.66
CA ALA A 265 17.96 26.43 -5.64
C ALA A 265 18.64 25.36 -6.50
N ILE A 266 18.17 24.12 -6.46
CA ILE A 266 18.74 23.07 -7.28
C ILE A 266 18.07 22.99 -8.65
N ASP A 267 17.15 23.91 -8.97
CA ASP A 267 16.47 23.91 -10.26
C ASP A 267 17.40 24.55 -11.30
N ASN B 1 -0.62 11.36 -22.05
CA ASN B 1 -1.45 11.96 -23.13
C ASN B 1 -2.92 11.83 -22.71
N LYS B 2 -3.54 10.71 -23.07
CA LYS B 2 -4.91 10.41 -22.66
C LYS B 2 -4.87 9.72 -21.30
N SER B 3 -3.71 9.13 -20.96
CA SER B 3 -3.53 8.60 -19.61
C SER B 3 -3.66 9.73 -18.58
N ASP B 4 -3.31 10.97 -18.95
CA ASP B 4 -3.37 12.08 -18.02
C ASP B 4 -4.81 12.56 -17.87
N ALA B 5 -5.60 12.35 -18.92
CA ALA B 5 -6.99 12.78 -18.95
C ALA B 5 -7.87 11.73 -18.24
N ALA B 6 -7.59 10.45 -18.48
CA ALA B 6 -8.28 9.42 -17.72
C ALA B 6 -8.01 9.62 -16.23
N ALA B 7 -6.80 10.03 -15.88
CA ALA B 7 -6.46 10.22 -14.47
C ALA B 7 -7.32 11.33 -13.89
N LYS B 8 -7.47 12.45 -14.61
CA LYS B 8 -8.28 13.57 -14.14
C LYS B 8 -9.71 13.09 -13.91
N GLN B 9 -10.17 12.20 -14.78
CA GLN B 9 -11.55 11.78 -14.71
C GLN B 9 -11.76 10.88 -13.50
N ILE B 10 -10.78 10.02 -13.17
CA ILE B 10 -10.90 9.09 -12.06
C ILE B 10 -10.75 9.92 -10.78
N LYS B 11 -9.78 10.83 -10.80
CA LYS B 11 -9.50 11.68 -9.65
C LYS B 11 -10.77 12.40 -9.24
N LYS B 12 -11.59 12.79 -10.23
CA LYS B 12 -12.71 13.66 -9.95
C LYS B 12 -13.90 12.84 -9.45
N LEU B 13 -14.04 11.66 -10.05
CA LEU B 13 -15.05 10.67 -9.72
C LEU B 13 -14.90 10.23 -8.26
N GLU B 14 -13.65 10.11 -7.76
CA GLU B 14 -13.46 9.75 -6.37
C GLU B 14 -13.76 10.93 -5.45
N GLU B 15 -13.52 12.15 -5.94
CA GLU B 15 -13.85 13.32 -5.15
C GLU B 15 -15.36 13.47 -5.00
N ASP B 16 -16.11 13.27 -6.10
CA ASP B 16 -17.56 13.33 -6.12
C ASP B 16 -18.19 12.44 -5.04
N PHE B 17 -17.59 11.27 -4.78
CA PHE B 17 -18.24 10.36 -3.86
C PHE B 17 -17.43 10.28 -2.55
N ASP B 18 -16.33 11.02 -2.49
CA ASP B 18 -15.52 11.15 -1.28
C ASP B 18 -14.96 9.80 -0.86
N GLY B 19 -14.27 9.18 -1.80
CA GLY B 19 -13.64 7.88 -1.58
C GLY B 19 -12.36 7.80 -2.39
N ARG B 20 -11.99 6.57 -2.74
CA ARG B 20 -10.70 6.33 -3.38
C ARG B 20 -10.86 5.19 -4.40
N ILE B 21 -10.43 5.45 -5.65
CA ILE B 21 -10.68 4.47 -6.69
C ILE B 21 -9.36 3.97 -7.22
N GLY B 22 -9.23 2.65 -7.32
CA GLY B 22 -8.07 2.04 -7.94
C GLY B 22 -8.46 1.25 -9.18
N VAL B 23 -7.67 1.44 -10.25
CA VAL B 23 -7.97 0.93 -11.58
C VAL B 23 -6.72 0.34 -12.20
N PHE B 24 -6.90 -0.79 -12.89
CA PHE B 24 -5.94 -1.34 -13.83
C PHE B 24 -6.66 -2.04 -14.99
N ALA B 25 -6.24 -1.73 -16.22
CA ALA B 25 -6.83 -2.33 -17.43
C ALA B 25 -5.72 -2.62 -18.42
N ILE B 26 -5.84 -3.79 -19.02
CA ILE B 26 -4.87 -4.35 -19.95
C ILE B 26 -5.61 -4.64 -21.25
N ASP B 27 -5.05 -4.15 -22.37
CA ASP B 27 -5.49 -4.63 -23.65
C ASP B 27 -4.48 -5.66 -24.13
N THR B 28 -4.87 -6.94 -24.06
CA THR B 28 -3.97 -8.05 -24.35
C THR B 28 -3.54 -8.00 -25.82
N GLY B 29 -4.36 -7.33 -26.66
CA GLY B 29 -4.15 -7.22 -28.09
C GLY B 29 -2.88 -6.45 -28.45
N SER B 30 -2.38 -5.62 -27.52
CA SER B 30 -1.39 -4.57 -27.80
C SER B 30 -0.40 -4.45 -26.63
N GLY B 31 -0.77 -5.01 -25.48
CA GLY B 31 -0.05 -4.77 -24.24
C GLY B 31 -0.23 -3.37 -23.63
N ASN B 32 -1.06 -2.51 -24.24
CA ASN B 32 -1.39 -1.22 -23.65
C ASN B 32 -2.07 -1.44 -22.30
N THR B 33 -1.55 -0.73 -21.29
CA THR B 33 -2.07 -0.80 -19.95
C THR B 33 -2.46 0.62 -19.50
N PHE B 34 -3.36 0.72 -18.51
CA PHE B 34 -3.60 1.99 -17.83
C PHE B 34 -3.86 1.69 -16.36
N GLY B 35 -3.37 2.57 -15.50
CA GLY B 35 -3.45 2.37 -14.07
C GLY B 35 -3.60 3.68 -13.27
N TYR B 36 -4.58 3.71 -12.37
CA TYR B 36 -4.70 4.82 -11.44
C TYR B 36 -4.75 4.22 -10.05
N ARG B 37 -3.81 4.63 -9.19
CA ARG B 37 -3.57 4.06 -7.87
C ARG B 37 -3.42 2.55 -7.98
N SER B 38 -2.77 2.09 -9.06
CA SER B 38 -2.81 0.67 -9.39
C SER B 38 -1.91 -0.14 -8.44
N ASP B 39 -1.08 0.59 -7.67
CA ASP B 39 -0.13 -0.03 -6.74
C ASP B 39 -0.56 0.20 -5.29
N GLU B 40 -1.74 0.80 -5.08
CA GLU B 40 -2.23 0.97 -3.71
C GLU B 40 -3.04 -0.28 -3.34
N ARG B 41 -3.16 -0.52 -2.04
CA ARG B 41 -3.88 -1.64 -1.45
C ARG B 41 -5.37 -1.30 -1.27
N PHE B 42 -6.20 -2.30 -1.56
CA PHE B 42 -7.64 -2.28 -1.37
C PHE B 42 -8.06 -3.61 -0.77
N PRO B 43 -9.07 -3.59 0.14
CA PRO B 43 -9.64 -4.83 0.66
C PRO B 43 -10.15 -5.66 -0.53
N LEU B 44 -9.89 -6.97 -0.51
CA LEU B 44 -10.30 -7.89 -1.56
C LEU B 44 -11.82 -8.10 -1.59
N CYS B 45 -12.44 -8.26 -0.40
CA CYS B 45 -13.81 -8.73 -0.23
C CYS B 45 -13.97 -10.13 -0.85
N SER B 46 -15.14 -10.41 -1.45
CA SER B 46 -15.43 -11.68 -2.11
C SER B 46 -14.62 -11.88 -3.40
N SER B 47 -13.80 -10.90 -3.83
CA SER B 47 -13.23 -10.97 -5.17
C SER B 47 -12.20 -12.09 -5.25
N PHE B 48 -11.65 -12.45 -4.08
CA PHE B 48 -10.61 -13.45 -4.01
C PHE B 48 -11.21 -14.82 -4.35
N LYS B 49 -12.58 -14.91 -4.32
CA LYS B 49 -13.28 -16.17 -4.50
C LYS B 49 -13.13 -16.72 -5.92
N GLY B 50 -12.87 -15.84 -6.88
CA GLY B 50 -12.76 -16.28 -8.26
C GLY B 50 -11.38 -16.88 -8.52
N PHE B 51 -10.39 -16.40 -7.77
CA PHE B 51 -9.05 -16.95 -7.74
C PHE B 51 -9.04 -18.22 -6.90
N LEU B 52 -9.88 -18.28 -5.87
CA LEU B 52 -10.01 -19.49 -5.07
C LEU B 52 -10.56 -20.62 -5.92
N ALA B 53 -11.48 -20.28 -6.85
CA ALA B 53 -12.03 -21.27 -7.75
C ALA B 53 -10.94 -21.71 -8.74
N ALA B 54 -10.07 -20.77 -9.13
CA ALA B 54 -8.93 -21.11 -9.98
C ALA B 54 -7.97 -22.10 -9.29
N ALA B 55 -7.76 -21.97 -7.97
CA ALA B 55 -6.82 -22.84 -7.26
C ALA B 55 -7.34 -24.28 -7.18
N VAL B 56 -8.66 -24.43 -7.04
CA VAL B 56 -9.32 -25.73 -7.06
C VAL B 56 -9.11 -26.37 -8.43
N LEU B 57 -9.29 -25.58 -9.48
CA LEU B 57 -9.10 -26.12 -10.81
C LEU B 57 -7.67 -26.63 -10.98
N GLU B 58 -6.71 -25.92 -10.37
CA GLU B 58 -5.31 -26.31 -10.41
C GLU B 58 -5.10 -27.62 -9.62
N ARG B 59 -5.79 -27.74 -8.50
CA ARG B 59 -5.70 -28.96 -7.70
C ARG B 59 -6.21 -30.14 -8.52
N VAL B 60 -7.27 -29.91 -9.32
CA VAL B 60 -7.89 -30.92 -10.17
C VAL B 60 -6.96 -31.24 -11.35
N GLN B 61 -6.36 -30.21 -11.92
CA GLN B 61 -5.41 -30.38 -13.01
C GLN B 61 -4.24 -31.26 -12.53
N GLN B 62 -3.77 -31.03 -11.31
CA GLN B 62 -2.62 -31.76 -10.81
C GLN B 62 -3.00 -33.18 -10.38
N LYS B 63 -4.29 -33.53 -10.57
CA LYS B 63 -4.90 -34.81 -10.19
C LYS B 63 -4.95 -34.99 -8.67
N LYS B 64 -4.58 -33.96 -7.88
CA LYS B 64 -4.67 -33.97 -6.42
C LYS B 64 -6.10 -34.12 -5.90
N LEU B 65 -7.06 -33.56 -6.64
CA LEU B 65 -8.48 -33.69 -6.38
C LEU B 65 -9.15 -34.05 -7.68
N ASP B 66 -10.45 -34.39 -7.55
CA ASP B 66 -11.34 -34.79 -8.64
C ASP B 66 -12.53 -33.83 -8.70
N ILE B 67 -12.79 -33.29 -9.88
CA ILE B 67 -13.87 -32.33 -10.13
C ILE B 67 -15.24 -32.87 -9.67
N ASN B 68 -15.43 -34.20 -9.66
CA ASN B 68 -16.76 -34.68 -9.36
C ASN B 68 -16.89 -35.34 -7.99
N GLN B 69 -15.86 -35.24 -7.15
CA GLN B 69 -15.99 -35.80 -5.81
C GLN B 69 -17.11 -35.09 -5.02
N LYS B 70 -17.88 -35.89 -4.26
CA LYS B 70 -18.95 -35.44 -3.39
C LYS B 70 -18.29 -34.76 -2.18
N VAL B 71 -18.70 -33.53 -1.89
CA VAL B 71 -18.32 -32.80 -0.68
C VAL B 71 -19.57 -32.76 0.23
N LYS B 72 -19.41 -33.20 1.50
CA LYS B 72 -20.53 -33.34 2.43
C LYS B 72 -20.29 -32.49 3.67
N TYR B 73 -21.38 -32.05 4.31
CA TYR B 73 -21.28 -31.05 5.36
C TYR B 73 -22.64 -30.88 6.02
N GLU B 74 -23.41 -31.97 6.11
CA GLU B 74 -24.81 -31.96 6.50
C GLU B 74 -24.97 -31.43 7.92
N SER B 75 -23.90 -31.52 8.72
CA SER B 75 -23.99 -31.09 10.11
C SER B 75 -23.47 -29.66 10.25
N ARG B 76 -22.95 -29.07 9.15
CA ARG B 76 -22.20 -27.82 9.26
C ARG B 76 -23.13 -26.66 9.59
N ASP B 77 -22.65 -25.69 10.38
CA ASP B 77 -23.33 -24.42 10.57
C ASP B 77 -22.97 -23.43 9.45
N LEU B 78 -23.78 -23.38 8.38
CA LEU B 78 -23.45 -22.59 7.21
C LEU B 78 -23.37 -21.10 7.54
N GLU B 79 -22.26 -20.46 7.12
CA GLU B 79 -22.03 -19.04 7.28
C GLU B 79 -23.16 -18.27 6.59
N TYR B 80 -23.39 -17.02 7.04
CA TYR B 80 -24.26 -16.07 6.36
C TYR B 80 -23.82 -15.88 4.90
N HIS B 81 -24.82 -15.73 4.01
CA HIS B 81 -24.67 -15.66 2.56
C HIS B 81 -24.06 -16.94 1.97
N SER B 82 -24.80 -18.05 2.18
CA SER B 82 -24.45 -19.36 1.69
C SER B 82 -25.63 -19.90 0.89
N PRO B 83 -26.12 -19.23 -0.17
CA PRO B 83 -27.43 -19.53 -0.74
C PRO B 83 -27.48 -20.87 -1.49
N ILE B 84 -26.39 -21.19 -2.22
CA ILE B 84 -26.27 -22.46 -2.90
C ILE B 84 -25.88 -23.60 -1.94
N THR B 85 -24.88 -23.36 -1.06
CA THR B 85 -24.59 -24.43 -0.12
C THR B 85 -25.80 -24.77 0.76
N THR B 86 -26.67 -23.78 1.06
CA THR B 86 -27.91 -24.06 1.76
C THR B 86 -28.80 -24.99 0.93
N LYS B 87 -28.90 -24.76 -0.39
CA LYS B 87 -29.85 -25.60 -1.09
C LYS B 87 -29.41 -27.06 -1.10
N TYR B 88 -28.11 -27.34 -1.06
CA TYR B 88 -27.69 -28.74 -1.21
C TYR B 88 -27.15 -29.25 0.12
N LYS B 89 -27.67 -28.70 1.22
CA LYS B 89 -27.23 -29.05 2.55
C LYS B 89 -27.29 -30.58 2.73
N GLY B 90 -28.44 -31.19 2.40
CA GLY B 90 -28.78 -32.57 2.72
C GLY B 90 -28.16 -33.62 1.81
N SER B 91 -27.62 -33.24 0.64
CA SER B 91 -27.08 -34.24 -0.27
C SER B 91 -25.59 -34.07 -0.52
N GLY B 92 -25.05 -32.87 -0.21
CA GLY B 92 -23.71 -32.50 -0.63
C GLY B 92 -23.70 -31.91 -2.05
N MET B 93 -22.49 -31.58 -2.53
CA MET B 93 -22.29 -31.00 -3.86
C MET B 93 -21.00 -31.56 -4.43
N THR B 94 -20.92 -31.66 -5.76
CA THR B 94 -19.62 -31.99 -6.33
C THR B 94 -18.68 -30.84 -5.98
N LEU B 95 -17.38 -31.12 -6.02
CA LEU B 95 -16.36 -30.11 -5.74
C LEU B 95 -16.41 -28.97 -6.77
N GLY B 96 -16.80 -29.28 -8.01
CA GLY B 96 -16.76 -28.28 -9.07
C GLY B 96 -17.90 -27.29 -8.88
N ASP B 97 -19.07 -27.87 -8.53
CA ASP B 97 -20.28 -27.12 -8.27
C ASP B 97 -20.06 -26.28 -7.03
N MET B 98 -19.25 -26.79 -6.08
CA MET B 98 -18.99 -25.98 -4.90
C MET B 98 -18.14 -24.77 -5.28
N ALA B 99 -17.13 -24.98 -6.13
CA ALA B 99 -16.18 -23.92 -6.44
C ALA B 99 -16.86 -22.87 -7.31
N SER B 100 -17.74 -23.32 -8.20
CA SER B 100 -18.49 -22.40 -9.04
C SER B 100 -19.48 -21.61 -8.17
N ALA B 101 -20.10 -22.27 -7.20
CA ALA B 101 -20.98 -21.57 -6.27
C ALA B 101 -20.21 -20.44 -5.59
N ALA B 102 -19.01 -20.75 -5.13
CA ALA B 102 -18.24 -19.75 -4.40
C ALA B 102 -17.93 -18.58 -5.33
N LEU B 103 -17.62 -18.87 -6.59
CA LEU B 103 -17.37 -17.85 -7.58
C LEU B 103 -18.67 -17.11 -7.97
N GLN B 104 -19.71 -17.85 -8.41
CA GLN B 104 -20.81 -17.21 -9.13
C GLN B 104 -21.91 -16.67 -8.22
N TYR B 105 -21.96 -17.10 -6.96
CA TYR B 105 -22.93 -16.55 -6.06
C TYR B 105 -22.25 -16.00 -4.82
N SER B 106 -20.92 -16.04 -4.83
CA SER B 106 -20.12 -15.44 -3.77
C SER B 106 -20.36 -16.16 -2.45
N ASP B 107 -20.64 -17.47 -2.54
CA ASP B 107 -21.17 -18.33 -1.48
C ASP B 107 -20.10 -18.55 -0.41
N ASN B 108 -20.42 -18.18 0.83
CA ASN B 108 -19.46 -18.20 1.94
C ASN B 108 -19.27 -19.61 2.52
N GLY B 109 -20.34 -20.42 2.56
CA GLY B 109 -20.20 -21.81 2.92
C GLY B 109 -19.10 -22.45 2.06
N ALA B 110 -19.30 -22.36 0.75
CA ALA B 110 -18.45 -23.00 -0.23
C ALA B 110 -17.02 -22.53 -0.04
N THR B 111 -16.85 -21.22 0.15
CA THR B 111 -15.55 -20.60 0.31
C THR B 111 -14.82 -21.17 1.53
N ASN B 112 -15.45 -21.09 2.71
CA ASN B 112 -14.84 -21.55 3.95
C ASN B 112 -14.58 -23.06 3.91
N ILE B 113 -15.58 -23.83 3.44
CA ILE B 113 -15.41 -25.28 3.28
C ILE B 113 -14.22 -25.56 2.37
N ILE B 114 -14.14 -24.89 1.23
CA ILE B 114 -13.03 -25.21 0.33
C ILE B 114 -11.67 -24.83 0.93
N MET B 115 -11.60 -23.72 1.66
CA MET B 115 -10.34 -23.33 2.26
C MET B 115 -9.92 -24.30 3.37
N GLU B 116 -10.92 -24.90 4.02
CA GLU B 116 -10.72 -25.82 5.13
C GLU B 116 -10.08 -27.08 4.57
N ARG B 117 -10.68 -27.64 3.51
CA ARG B 117 -10.43 -29.04 3.20
C ARG B 117 -9.36 -29.20 2.14
N PHE B 118 -9.23 -28.21 1.23
CA PHE B 118 -8.52 -28.44 -0.03
C PHE B 118 -7.36 -27.48 -0.23
N LEU B 119 -7.40 -26.30 0.40
CA LEU B 119 -6.48 -25.24 0.02
C LEU B 119 -5.52 -24.85 1.15
N GLY B 120 -5.73 -25.39 2.34
CA GLY B 120 -4.88 -25.00 3.47
C GLY B 120 -5.17 -23.57 3.94
N GLY B 121 -6.48 -23.22 3.96
CA GLY B 121 -7.03 -22.01 4.60
C GLY B 121 -6.47 -20.75 3.97
N PRO B 122 -6.52 -19.58 4.65
CA PRO B 122 -6.06 -18.35 4.03
C PRO B 122 -4.59 -18.32 3.65
N GLU B 123 -3.74 -19.02 4.43
CA GLU B 123 -2.31 -19.03 4.15
C GLU B 123 -2.01 -19.91 2.91
N GLY B 124 -2.86 -20.91 2.66
CA GLY B 124 -2.74 -21.73 1.47
C GLY B 124 -3.26 -21.02 0.21
N MET B 125 -4.21 -20.12 0.40
CA MET B 125 -4.74 -19.34 -0.72
C MET B 125 -3.66 -18.33 -1.13
N THR B 126 -3.01 -17.72 -0.13
CA THR B 126 -1.90 -16.82 -0.37
C THR B 126 -0.76 -17.60 -1.02
N LYS B 127 -0.46 -18.81 -0.50
CA LYS B 127 0.53 -19.68 -1.13
C LYS B 127 0.25 -19.84 -2.63
N PHE B 128 -1.00 -20.15 -3.00
CA PHE B 128 -1.31 -20.40 -4.40
C PHE B 128 -0.97 -19.20 -5.29
N MET B 129 -1.39 -17.99 -4.86
CA MET B 129 -1.15 -16.77 -5.59
C MET B 129 0.36 -16.49 -5.78
N ARG B 130 1.21 -16.77 -4.78
CA ARG B 130 2.64 -16.56 -4.89
C ARG B 130 3.20 -17.46 -5.99
N SER B 131 2.58 -18.63 -6.14
CA SER B 131 3.04 -19.67 -7.06
C SER B 131 2.76 -19.31 -8.53
N ILE B 132 1.98 -18.23 -8.78
CA ILE B 132 1.77 -17.83 -10.16
C ILE B 132 2.39 -16.45 -10.36
N GLY B 133 3.14 -15.99 -9.34
CA GLY B 133 3.93 -14.78 -9.44
C GLY B 133 3.14 -13.55 -9.00
N ASP B 134 2.16 -13.75 -8.11
CA ASP B 134 1.46 -12.62 -7.54
C ASP B 134 2.02 -12.29 -6.16
N ASN B 135 2.68 -11.14 -6.04
CA ASN B 135 3.40 -10.83 -4.82
C ASN B 135 2.61 -9.94 -3.85
N GLU B 136 1.54 -9.29 -4.32
CA GLU B 136 0.81 -8.27 -3.58
C GLU B 136 -0.32 -8.89 -2.76
N PHE B 137 -1.03 -9.84 -3.38
CA PHE B 137 -2.19 -10.50 -2.80
C PHE B 137 -1.85 -11.11 -1.45
N ARG B 138 -2.71 -10.92 -0.45
CA ARG B 138 -2.60 -11.60 0.82
C ARG B 138 -3.98 -11.80 1.43
N LEU B 139 -4.32 -13.05 1.75
CA LEU B 139 -5.49 -13.36 2.55
C LEU B 139 -5.05 -13.83 3.94
N ASP B 140 -5.60 -13.18 4.97
CA ASP B 140 -5.12 -13.34 6.33
C ASP B 140 -6.22 -13.97 7.18
N ARG B 141 -7.51 -13.76 6.83
CA ARG B 141 -8.62 -14.18 7.66
C ARG B 141 -9.60 -15.06 6.87
N TRP B 142 -10.55 -15.70 7.58
CA TRP B 142 -11.65 -16.45 6.97
C TRP B 142 -12.88 -15.56 6.74
N GLU B 143 -13.89 -16.09 6.05
CA GLU B 143 -15.18 -15.42 5.94
C GLU B 143 -15.85 -15.55 7.29
N LEU B 144 -16.42 -14.48 7.86
CA LEU B 144 -16.79 -13.26 7.16
C LEU B 144 -15.94 -12.11 7.70
N GLU B 145 -15.03 -12.42 8.62
CA GLU B 145 -14.21 -11.43 9.29
C GLU B 145 -13.25 -10.70 8.32
N LEU B 146 -13.07 -11.21 7.10
CA LEU B 146 -12.07 -10.67 6.20
C LEU B 146 -12.60 -9.42 5.50
N ASN B 147 -13.85 -9.08 5.82
CA ASN B 147 -14.60 -8.05 5.11
C ASN B 147 -14.56 -6.73 5.88
N THR B 148 -13.92 -6.67 7.06
CA THR B 148 -14.01 -5.49 7.92
C THR B 148 -13.57 -4.20 7.22
N ALA B 149 -12.67 -4.28 6.22
CA ALA B 149 -12.24 -3.20 5.35
C ALA B 149 -11.83 -1.92 6.10
N ILE B 150 -11.12 -2.10 7.22
CA ILE B 150 -10.75 -1.00 8.10
C ILE B 150 -9.69 -0.17 7.39
N PRO B 151 -9.92 1.16 7.22
CA PRO B 151 -8.94 1.99 6.52
C PRO B 151 -7.59 1.83 7.23
N GLY B 152 -6.55 1.56 6.43
CA GLY B 152 -5.21 1.49 6.96
C GLY B 152 -4.78 0.05 7.18
N ASP B 153 -5.74 -0.89 7.24
CA ASP B 153 -5.43 -2.30 7.49
C ASP B 153 -4.91 -2.91 6.19
N LYS B 154 -3.86 -3.75 6.27
CA LYS B 154 -3.26 -4.32 5.07
C LYS B 154 -3.66 -5.79 4.93
N ARG B 155 -4.39 -6.32 5.93
CA ARG B 155 -4.93 -7.66 5.85
C ARG B 155 -5.97 -7.74 4.73
N ASP B 156 -5.86 -8.81 3.93
CA ASP B 156 -6.91 -9.16 2.96
C ASP B 156 -7.01 -8.07 1.90
N THR B 157 -5.84 -7.71 1.35
CA THR B 157 -5.75 -6.68 0.34
C THR B 157 -4.95 -7.21 -0.84
N SER B 158 -5.09 -6.49 -1.94
CA SER B 158 -4.16 -6.60 -3.04
C SER B 158 -4.05 -5.22 -3.68
N THR B 159 -3.55 -5.18 -4.92
CA THR B 159 -3.54 -3.98 -5.71
C THR B 159 -4.35 -4.26 -6.98
N PRO B 160 -4.95 -3.23 -7.61
CA PRO B 160 -5.58 -3.36 -8.92
C PRO B 160 -4.64 -3.99 -9.94
N LYS B 161 -3.36 -3.61 -9.88
CA LYS B 161 -2.37 -4.11 -10.84
C LYS B 161 -2.21 -5.62 -10.66
N ALA B 162 -2.03 -6.07 -9.41
CA ALA B 162 -1.69 -7.47 -9.22
C ALA B 162 -2.90 -8.34 -9.55
N VAL B 163 -4.09 -7.80 -9.26
CA VAL B 163 -5.33 -8.52 -9.47
C VAL B 163 -5.50 -8.69 -10.97
N ALA B 164 -5.30 -7.59 -11.70
CA ALA B 164 -5.43 -7.58 -13.14
C ALA B 164 -4.47 -8.60 -13.74
N ASN B 165 -3.19 -8.52 -13.31
CA ASN B 165 -2.12 -9.37 -13.80
C ASN B 165 -2.41 -10.84 -13.55
N SER B 166 -2.96 -11.16 -12.39
CA SER B 166 -3.28 -12.54 -12.01
C SER B 166 -4.45 -13.05 -12.82
N LEU B 167 -5.54 -12.28 -12.85
CA LEU B 167 -6.66 -12.68 -13.67
C LEU B 167 -6.20 -12.91 -15.12
N ASN B 168 -5.27 -12.06 -15.61
CA ASN B 168 -4.76 -12.31 -16.96
C ASN B 168 -4.16 -13.71 -17.03
N LYS B 169 -3.25 -14.01 -16.08
CA LYS B 169 -2.54 -15.26 -16.11
C LYS B 169 -3.49 -16.44 -15.97
N LEU B 170 -4.70 -16.24 -15.40
CA LEU B 170 -5.51 -17.39 -15.03
C LEU B 170 -6.53 -17.69 -16.12
N ALA B 171 -7.19 -16.61 -16.55
CA ALA B 171 -8.29 -16.70 -17.48
C ALA B 171 -7.79 -16.74 -18.93
N LEU B 172 -6.59 -16.16 -19.17
CA LEU B 172 -6.02 -16.02 -20.51
C LEU B 172 -4.67 -16.76 -20.68
N GLY B 173 -3.83 -16.76 -19.63
CA GLY B 173 -2.47 -17.29 -19.66
C GLY B 173 -2.43 -18.82 -19.56
N ASN B 174 -1.35 -19.37 -18.98
CA ASN B 174 -0.94 -20.76 -19.10
C ASN B 174 -0.89 -21.51 -17.76
N VAL B 175 -1.54 -20.97 -16.72
CA VAL B 175 -1.54 -21.62 -15.43
C VAL B 175 -2.44 -22.87 -15.52
N LEU B 176 -3.58 -22.74 -16.21
CA LEU B 176 -4.47 -23.87 -16.43
C LEU B 176 -4.29 -24.35 -17.86
N ASN B 177 -4.52 -25.67 -18.09
CA ASN B 177 -4.43 -26.18 -19.45
C ASN B 177 -5.73 -25.85 -20.20
N ALA B 178 -5.77 -26.20 -21.48
CA ALA B 178 -6.78 -25.67 -22.38
C ALA B 178 -8.18 -26.09 -21.90
N LYS B 179 -8.29 -27.37 -21.49
CA LYS B 179 -9.56 -27.96 -21.09
C LYS B 179 -10.09 -27.29 -19.83
N VAL B 180 -9.18 -27.07 -18.87
CA VAL B 180 -9.54 -26.61 -17.55
C VAL B 180 -9.74 -25.09 -17.60
N LYS B 181 -8.86 -24.38 -18.33
CA LYS B 181 -9.00 -22.94 -18.47
C LYS B 181 -10.39 -22.59 -19.03
N ALA B 182 -10.90 -23.44 -19.93
CA ALA B 182 -12.24 -23.24 -20.48
C ALA B 182 -13.28 -23.31 -19.37
N ILE B 183 -13.21 -24.35 -18.54
CA ILE B 183 -14.22 -24.44 -17.49
C ILE B 183 -14.10 -23.16 -16.64
N TYR B 184 -12.84 -22.75 -16.34
CA TYR B 184 -12.59 -21.58 -15.51
C TYR B 184 -13.27 -20.36 -16.13
N GLN B 185 -12.97 -20.12 -17.42
CA GLN B 185 -13.57 -19.06 -18.21
C GLN B 185 -15.10 -19.09 -18.19
N ASN B 186 -15.69 -20.28 -18.35
CA ASN B 186 -17.13 -20.42 -18.34
C ASN B 186 -17.70 -20.10 -16.98
N TRP B 187 -17.02 -20.55 -15.91
CA TRP B 187 -17.40 -20.17 -14.55
C TRP B 187 -17.53 -18.64 -14.45
N LEU B 188 -16.48 -17.93 -14.87
CA LEU B 188 -16.45 -16.47 -14.83
C LEU B 188 -17.60 -15.84 -15.64
N LYS B 189 -17.84 -16.32 -16.88
CA LYS B 189 -18.91 -15.84 -17.77
C LYS B 189 -20.28 -15.96 -17.07
N GLY B 190 -20.45 -16.93 -16.17
CA GLY B 190 -21.74 -17.10 -15.53
C GLY B 190 -21.89 -16.47 -14.13
N ASN B 191 -21.01 -15.52 -13.75
CA ASN B 191 -21.14 -14.77 -12.51
C ASN B 191 -22.50 -14.06 -12.43
N THR B 192 -23.18 -14.05 -11.27
CA THR B 192 -24.53 -13.52 -11.25
C THR B 192 -24.62 -12.17 -10.55
N THR B 193 -23.50 -11.73 -9.94
CA THR B 193 -23.57 -10.57 -9.09
C THR B 193 -23.00 -9.29 -9.73
N GLY B 194 -22.70 -9.29 -11.03
CA GLY B 194 -21.89 -8.21 -11.57
C GLY B 194 -22.63 -7.26 -12.52
N ASP B 195 -23.94 -7.42 -12.65
CA ASP B 195 -24.67 -6.76 -13.73
C ASP B 195 -24.60 -5.24 -13.61
N ALA B 196 -24.28 -4.69 -12.44
CA ALA B 196 -24.35 -3.24 -12.31
C ALA B 196 -22.94 -2.65 -12.34
N ARG B 197 -21.96 -3.54 -12.54
CA ARG B 197 -20.57 -3.16 -12.35
C ARG B 197 -19.88 -3.00 -13.71
N ILE B 198 -18.97 -3.92 -14.09
CA ILE B 198 -18.20 -3.78 -15.32
C ILE B 198 -19.03 -4.20 -16.53
N ARG B 199 -19.96 -5.14 -16.32
CA ARG B 199 -20.97 -5.48 -17.33
C ARG B 199 -21.73 -4.26 -17.86
N ALA B 200 -22.07 -3.27 -17.04
CA ALA B 200 -22.83 -2.11 -17.49
C ALA B 200 -21.94 -1.10 -18.22
N SER B 201 -20.64 -1.39 -18.31
CA SER B 201 -19.68 -0.46 -18.88
C SER B 201 -19.30 -0.79 -20.34
N VAL B 202 -19.94 -1.79 -20.96
CA VAL B 202 -19.48 -2.42 -22.20
C VAL B 202 -20.65 -2.62 -23.15
N PRO B 203 -20.43 -2.56 -24.48
CA PRO B 203 -21.47 -2.92 -25.44
C PRO B 203 -22.08 -4.28 -25.09
N ALA B 204 -23.42 -4.32 -25.06
CA ALA B 204 -24.20 -5.43 -24.54
C ALA B 204 -23.98 -6.74 -25.31
N ASP B 205 -23.19 -6.71 -26.38
CA ASP B 205 -22.93 -7.95 -27.10
C ASP B 205 -21.48 -8.40 -26.96
N TRP B 206 -20.67 -7.67 -26.17
CA TRP B 206 -19.37 -8.17 -25.73
C TRP B 206 -19.61 -9.25 -24.66
N VAL B 207 -18.75 -10.27 -24.63
CA VAL B 207 -18.90 -11.33 -23.63
C VAL B 207 -17.98 -11.02 -22.42
N VAL B 208 -18.53 -11.16 -21.21
CA VAL B 208 -17.87 -10.79 -19.97
C VAL B 208 -17.88 -11.95 -18.97
N GLY B 209 -16.73 -12.18 -18.31
CA GLY B 209 -16.64 -12.91 -17.06
C GLY B 209 -16.08 -12.00 -15.97
N ASP B 210 -16.60 -12.13 -14.74
CA ASP B 210 -16.19 -11.21 -13.68
C ASP B 210 -16.42 -11.89 -12.34
N LYS B 211 -15.78 -11.34 -11.31
CA LYS B 211 -16.07 -11.62 -9.91
C LYS B 211 -16.10 -10.30 -9.14
N THR B 212 -17.18 -10.04 -8.40
CA THR B 212 -17.33 -8.81 -7.62
C THR B 212 -16.88 -9.02 -6.17
N GLY B 213 -16.55 -7.93 -5.48
CA GLY B 213 -16.42 -7.95 -4.02
C GLY B 213 -17.21 -6.82 -3.35
N SER B 214 -17.95 -7.14 -2.27
CA SER B 214 -18.69 -6.18 -1.44
C SER B 214 -18.49 -6.49 0.04
N CYS B 215 -17.78 -5.58 0.69
CA CYS B 215 -17.37 -5.75 2.07
C CYS B 215 -18.49 -5.33 3.02
N GLY B 216 -19.37 -4.45 2.55
CA GLY B 216 -20.42 -3.93 3.41
C GLY B 216 -19.90 -3.08 4.56
N ALA B 217 -18.72 -2.44 4.40
CA ALA B 217 -18.17 -1.50 5.38
C ALA B 217 -17.26 -0.52 4.64
N TYR B 218 -17.18 0.73 5.11
CA TYR B 218 -16.33 1.72 4.46
C TYR B 218 -16.63 1.75 2.97
N GLY B 219 -17.92 1.63 2.68
CA GLY B 219 -18.44 1.56 1.32
C GLY B 219 -17.48 0.89 0.34
N THR B 220 -16.95 -0.28 0.74
CA THR B 220 -15.87 -0.92 0.01
C THR B 220 -16.44 -2.01 -0.90
N ALA B 221 -16.09 -1.89 -2.18
CA ALA B 221 -16.63 -2.78 -3.19
C ALA B 221 -15.67 -2.80 -4.36
N ASN B 222 -15.80 -3.81 -5.23
CA ASN B 222 -14.91 -3.90 -6.37
C ASN B 222 -15.36 -4.95 -7.39
N ASP B 223 -14.60 -5.01 -8.48
CA ASP B 223 -14.89 -5.91 -9.59
C ASP B 223 -13.61 -6.05 -10.42
N TYR B 224 -13.36 -7.28 -10.88
CA TYR B 224 -12.46 -7.58 -12.00
C TYR B 224 -13.19 -8.46 -13.03
N ALA B 225 -12.77 -8.33 -14.30
CA ALA B 225 -13.43 -8.92 -15.45
C ALA B 225 -12.42 -9.23 -16.55
N VAL B 226 -12.72 -10.33 -17.28
CA VAL B 226 -12.20 -10.69 -18.58
C VAL B 226 -13.25 -10.19 -19.56
N ILE B 227 -12.81 -9.47 -20.60
CA ILE B 227 -13.73 -9.04 -21.64
C ILE B 227 -13.24 -9.48 -23.02
N TRP B 228 -14.11 -10.21 -23.75
CA TRP B 228 -14.00 -10.58 -25.16
C TRP B 228 -14.88 -9.68 -26.03
N PRO B 229 -14.34 -8.59 -26.61
CA PRO B 229 -15.07 -7.78 -27.59
C PRO B 229 -15.41 -8.56 -28.86
N LYS B 230 -16.03 -7.84 -29.81
CA LYS B 230 -16.41 -8.37 -31.11
C LYS B 230 -15.19 -8.62 -32.01
N ASN B 231 -14.49 -7.54 -32.39
CA ASN B 231 -13.55 -7.58 -33.49
C ASN B 231 -12.15 -7.27 -32.96
N ARG B 232 -11.79 -7.85 -31.81
CA ARG B 232 -10.69 -7.34 -31.02
C ARG B 232 -10.26 -8.42 -30.03
N ALA B 233 -8.95 -8.41 -29.67
CA ALA B 233 -8.32 -9.29 -28.68
C ALA B 233 -8.82 -8.92 -27.29
N PRO B 234 -8.77 -9.82 -26.28
CA PRO B 234 -9.43 -9.57 -24.98
C PRO B 234 -8.89 -8.43 -24.09
N LEU B 235 -9.75 -7.94 -23.19
CA LEU B 235 -9.41 -6.95 -22.17
C LEU B 235 -9.46 -7.59 -20.79
N ILE B 236 -8.68 -7.05 -19.85
CA ILE B 236 -8.72 -7.34 -18.43
C ILE B 236 -9.00 -6.01 -17.74
N VAL B 237 -10.04 -5.96 -16.89
CA VAL B 237 -10.30 -4.75 -16.12
C VAL B 237 -10.40 -5.07 -14.62
N SER B 238 -9.78 -4.22 -13.80
CA SER B 238 -9.74 -4.33 -12.36
C SER B 238 -10.16 -3.00 -11.72
N ILE B 239 -11.29 -2.97 -10.98
CA ILE B 239 -11.71 -1.76 -10.30
C ILE B 239 -11.84 -2.04 -8.80
N TYR B 240 -11.21 -1.21 -7.97
CA TYR B 240 -11.30 -1.29 -6.52
C TYR B 240 -11.69 0.07 -5.91
N THR B 241 -12.50 0.06 -4.85
CA THR B 241 -12.99 1.29 -4.24
C THR B 241 -13.14 1.11 -2.73
N THR B 242 -12.79 2.16 -2.00
CA THR B 242 -13.13 2.35 -0.59
C THR B 242 -13.73 3.76 -0.47
N ARG B 243 -14.38 4.01 0.68
CA ARG B 243 -14.96 5.29 1.10
C ARG B 243 -14.53 5.62 2.53
N LYS B 244 -14.65 6.91 2.93
CA LYS B 244 -13.99 7.38 4.13
C LYS B 244 -14.75 6.98 5.41
N SER B 245 -16.07 6.73 5.39
CA SER B 245 -16.78 6.42 6.64
C SER B 245 -17.34 4.99 6.71
N LYS B 246 -17.32 4.45 7.92
CA LYS B 246 -17.84 3.12 8.23
C LYS B 246 -19.18 2.91 7.52
N ASP B 247 -20.12 3.85 7.66
CA ASP B 247 -21.50 3.63 7.26
C ASP B 247 -21.73 3.90 5.77
N ASP B 248 -20.75 4.50 5.07
CA ASP B 248 -20.85 4.70 3.63
C ASP B 248 -21.28 3.41 2.93
N LYS B 249 -22.17 3.51 1.95
CA LYS B 249 -22.52 2.34 1.16
C LYS B 249 -21.73 2.34 -0.15
N HIS B 250 -21.52 1.15 -0.70
CA HIS B 250 -20.78 0.98 -1.94
C HIS B 250 -21.56 1.62 -3.11
N SER B 251 -20.84 2.05 -4.15
CA SER B 251 -21.45 2.71 -5.29
C SER B 251 -21.15 1.94 -6.57
N ASP B 252 -22.10 1.08 -6.99
CA ASP B 252 -21.95 0.27 -8.21
C ASP B 252 -21.73 1.17 -9.41
N LYS B 253 -22.48 2.29 -9.44
CA LYS B 253 -22.51 3.21 -10.57
C LYS B 253 -21.14 3.83 -10.77
N THR B 254 -20.41 4.06 -9.66
CA THR B 254 -19.05 4.56 -9.69
C THR B 254 -18.10 3.53 -10.30
N ILE B 255 -18.36 2.23 -10.02
CA ILE B 255 -17.47 1.20 -10.53
C ILE B 255 -17.65 1.06 -12.03
N ALA B 256 -18.93 1.08 -12.46
CA ALA B 256 -19.27 1.10 -13.88
C ALA B 256 -18.54 2.25 -14.59
N GLU B 257 -18.54 3.45 -14.00
CA GLU B 257 -17.99 4.63 -14.63
C GLU B 257 -16.46 4.57 -14.63
N ALA B 258 -15.89 4.11 -13.51
CA ALA B 258 -14.46 3.90 -13.48
C ALA B 258 -14.08 2.92 -14.58
N SER B 259 -14.92 1.90 -14.80
CA SER B 259 -14.66 0.91 -15.83
C SER B 259 -14.69 1.54 -17.22
N ARG B 260 -15.74 2.29 -17.57
CA ARG B 260 -15.80 2.92 -18.88
C ARG B 260 -14.58 3.81 -19.11
N ILE B 261 -14.21 4.61 -18.10
CA ILE B 261 -13.03 5.47 -18.22
C ILE B 261 -11.78 4.64 -18.53
N ALA B 262 -11.62 3.52 -17.80
CA ALA B 262 -10.44 2.68 -17.92
C ALA B 262 -10.36 2.00 -19.29
N ILE B 263 -11.48 1.42 -19.76
CA ILE B 263 -11.59 0.86 -21.10
C ILE B 263 -11.22 1.91 -22.15
N GLN B 264 -11.60 3.17 -21.93
CA GLN B 264 -11.33 4.19 -22.91
C GLN B 264 -9.84 4.49 -22.98
N ALA B 265 -9.16 4.39 -21.83
CA ALA B 265 -7.77 4.78 -21.71
C ALA B 265 -6.84 3.80 -22.44
N ILE B 266 -7.19 2.51 -22.53
CA ILE B 266 -6.45 1.49 -23.25
C ILE B 266 -7.08 1.20 -24.63
N ASP B 267 -7.27 2.24 -25.45
CA ASP B 267 -7.93 2.07 -26.74
C ASP B 267 -6.98 2.54 -27.85
#